data_3FTR
# 
_entry.id   3FTR 
# 
_audit_conform.dict_name       mmcif_pdbx.dic 
_audit_conform.dict_version    5.387 
_audit_conform.dict_location   http://mmcif.pdb.org/dictionaries/ascii/mmcif_pdbx.dic 
# 
loop_
_database_2.database_id 
_database_2.database_code 
_database_2.pdbx_database_accession 
_database_2.pdbx_DOI 
PDB   3FTR         pdb_00003ftr 10.2210/pdb3ftr/pdb 
RCSB  RCSB051031   ?            ?                   
WWPDB D_1000051031 ?            ?                   
# 
loop_
_pdbx_audit_revision_history.ordinal 
_pdbx_audit_revision_history.data_content_type 
_pdbx_audit_revision_history.major_revision 
_pdbx_audit_revision_history.minor_revision 
_pdbx_audit_revision_history.revision_date 
1 'Structure model' 1 0 2009-06-30 
2 'Structure model' 1 1 2011-07-13 
3 'Structure model' 1 2 2017-11-01 
4 'Structure model' 1 3 2024-02-21 
# 
_pdbx_audit_revision_details.ordinal             1 
_pdbx_audit_revision_details.revision_ordinal    1 
_pdbx_audit_revision_details.data_content_type   'Structure model' 
_pdbx_audit_revision_details.provider            repository 
_pdbx_audit_revision_details.type                'Initial release' 
_pdbx_audit_revision_details.description         ? 
_pdbx_audit_revision_details.details             ? 
# 
loop_
_pdbx_audit_revision_group.ordinal 
_pdbx_audit_revision_group.revision_ordinal 
_pdbx_audit_revision_group.data_content_type 
_pdbx_audit_revision_group.group 
1 2 'Structure model' 'Version format compliance' 
2 3 'Structure model' 'Refinement description'    
3 4 'Structure model' 'Data collection'           
4 4 'Structure model' 'Database references'       
# 
loop_
_pdbx_audit_revision_category.ordinal 
_pdbx_audit_revision_category.revision_ordinal 
_pdbx_audit_revision_category.data_content_type 
_pdbx_audit_revision_category.category 
1 3 'Structure model' software       
2 4 'Structure model' chem_comp_atom 
3 4 'Structure model' chem_comp_bond 
4 4 'Structure model' database_2     
# 
loop_
_pdbx_audit_revision_item.ordinal 
_pdbx_audit_revision_item.revision_ordinal 
_pdbx_audit_revision_item.data_content_type 
_pdbx_audit_revision_item.item 
1 4 'Structure model' '_database_2.pdbx_DOI'                
2 4 'Structure model' '_database_2.pdbx_database_accession' 
# 
_pdbx_database_status.entry_id                        3FTR 
_pdbx_database_status.deposit_site                    RCSB 
_pdbx_database_status.process_site                    RCSB 
_pdbx_database_status.recvd_initial_deposition_date   2009-01-13 
_pdbx_database_status.status_code                     REL 
_pdbx_database_status.status_code_sf                  REL 
_pdbx_database_status.status_code_mr                  ? 
_pdbx_database_status.SG_entry                        ? 
_pdbx_database_status.pdb_format_compatible           Y 
_pdbx_database_status.status_code_cs                  ? 
_pdbx_database_status.methods_development_category    ? 
_pdbx_database_status.status_code_nmr_data            ? 
# 
_pdbx_database_related.db_name        PDB 
_pdbx_database_related.db_id          3DG1 
_pdbx_database_related.details        'alternative polymorph' 
_pdbx_database_related.content_type   unspecified 
# 
loop_
_audit_author.name 
_audit_author.pdbx_ordinal 
'Landau, M.'    1 
'Eisenberg, D.' 2 
# 
_citation.id                        primary 
_citation.title                     'Molecular mechanisms for protein-encoded inheritance.' 
_citation.journal_abbrev            Nat.Struct.Mol.Biol. 
_citation.journal_volume            16 
_citation.page_first                973 
_citation.page_last                 978 
_citation.year                      2009 
_citation.journal_id_ASTM           ? 
_citation.country                   US 
_citation.journal_id_ISSN           1545-9993 
_citation.journal_id_CSD            ? 
_citation.book_publisher            ? 
_citation.pdbx_database_id_PubMed   19684598 
_citation.pdbx_database_id_DOI      10.1038/nsmb.1643 
# 
loop_
_citation_author.citation_id 
_citation_author.name 
_citation_author.ordinal 
_citation_author.identifier_ORCID 
primary 'Wiltzius, J.J.'  1  ? 
primary 'Landau, M.'      2  ? 
primary 'Nelson, R.'      3  ? 
primary 'Sawaya, M.R.'    4  ? 
primary 'Apostol, M.I.'   5  ? 
primary 'Goldschmidt, L.' 6  ? 
primary 'Soriaga, A.B.'   7  ? 
primary 'Cascio, D.'      8  ? 
primary 'Rajashankar, K.' 9  ? 
primary 'Eisenberg, D.'   10 ? 
# 
loop_
_entity.id 
_entity.type 
_entity.src_method 
_entity.pdbx_description 
_entity.formula_weight 
_entity.pdbx_number_of_molecules 
_entity.pdbx_ec 
_entity.pdbx_mutation 
_entity.pdbx_fragment 
_entity.details 
1 polymer syn 'SSTNVG FROM ISLET AMYLOID POLYPEPTIDE' 563.560 1 ? ? ? ? 
2 water   nat water                                   18.015  3 ? ? ? ? 
# 
_entity_poly.entity_id                      1 
_entity_poly.type                           'polypeptide(L)' 
_entity_poly.nstd_linkage                   no 
_entity_poly.nstd_monomer                   no 
_entity_poly.pdbx_seq_one_letter_code       SSTNVG 
_entity_poly.pdbx_seq_one_letter_code_can   SSTNVG 
_entity_poly.pdbx_strand_id                 A 
_entity_poly.pdbx_target_identifier         ? 
# 
_pdbx_entity_nonpoly.entity_id   2 
_pdbx_entity_nonpoly.name        water 
_pdbx_entity_nonpoly.comp_id     HOH 
# 
loop_
_entity_poly_seq.entity_id 
_entity_poly_seq.num 
_entity_poly_seq.mon_id 
_entity_poly_seq.hetero 
1 1 SER n 
1 2 SER n 
1 3 THR n 
1 4 ASN n 
1 5 VAL n 
1 6 GLY n 
# 
loop_
_chem_comp.id 
_chem_comp.type 
_chem_comp.mon_nstd_flag 
_chem_comp.name 
_chem_comp.pdbx_synonyms 
_chem_comp.formula 
_chem_comp.formula_weight 
ASN 'L-peptide linking' y ASPARAGINE ? 'C4 H8 N2 O3' 132.118 
GLY 'peptide linking'   y GLYCINE    ? 'C2 H5 N O2'  75.067  
HOH non-polymer         . WATER      ? 'H2 O'        18.015  
SER 'L-peptide linking' y SERINE     ? 'C3 H7 N O3'  105.093 
THR 'L-peptide linking' y THREONINE  ? 'C4 H9 N O3'  119.119 
VAL 'L-peptide linking' y VALINE     ? 'C5 H11 N O2' 117.146 
# 
loop_
_pdbx_poly_seq_scheme.asym_id 
_pdbx_poly_seq_scheme.entity_id 
_pdbx_poly_seq_scheme.seq_id 
_pdbx_poly_seq_scheme.mon_id 
_pdbx_poly_seq_scheme.ndb_seq_num 
_pdbx_poly_seq_scheme.pdb_seq_num 
_pdbx_poly_seq_scheme.auth_seq_num 
_pdbx_poly_seq_scheme.pdb_mon_id 
_pdbx_poly_seq_scheme.auth_mon_id 
_pdbx_poly_seq_scheme.pdb_strand_id 
_pdbx_poly_seq_scheme.pdb_ins_code 
_pdbx_poly_seq_scheme.hetero 
A 1 1 SER 1 1 1 SER SER A . n 
A 1 2 SER 2 2 2 SER SER A . n 
A 1 3 THR 3 3 3 THR THR A . n 
A 1 4 ASN 4 4 4 ASN ASN A . n 
A 1 5 VAL 5 5 5 VAL VAL A . n 
A 1 6 GLY 6 6 6 GLY GLY A . n 
# 
loop_
_pdbx_nonpoly_scheme.asym_id 
_pdbx_nonpoly_scheme.entity_id 
_pdbx_nonpoly_scheme.mon_id 
_pdbx_nonpoly_scheme.ndb_seq_num 
_pdbx_nonpoly_scheme.pdb_seq_num 
_pdbx_nonpoly_scheme.auth_seq_num 
_pdbx_nonpoly_scheme.pdb_mon_id 
_pdbx_nonpoly_scheme.auth_mon_id 
_pdbx_nonpoly_scheme.pdb_strand_id 
_pdbx_nonpoly_scheme.pdb_ins_code 
B 2 HOH 1 7 1 HOH HOH A . 
B 2 HOH 2 8 2 HOH HOH A . 
B 2 HOH 3 9 3 HOH HOH A . 
# 
loop_
_software.name 
_software.version 
_software.date 
_software.type 
_software.contact_author 
_software.contact_author_email 
_software.classification 
_software.location 
_software.language 
_software.citation_id 
_software.pdbx_ordinal 
DENZO       .       ?               package 'Zbyszek Otwinowski' hkl@hkl-xray.com            'data reduction'  
http://www.hkl-xray.com/                     ?          ? 1 
SCALEPACK   .       ?               package 'Zbyszek Otwinowski' hkl@hkl-xray.com            'data scaling'    
http://www.hkl-xray.com/                     ?          ? 2 
PHASER      .       ?               program 'Randy J. Read'      cimr-phaser@lists.cam.ac.uk phasing           
http://www-structmed.cimr.cam.ac.uk/phaser/  ?          ? 3 
REFMAC      .       ?               program 'Garib N. Murshudov' garib@ysbl.york.ac.uk       refinement        
http://www.ccp4.ac.uk/dist/html/refmac5.html Fortran_77 ? 4 
PDB_EXTRACT 3.006   'June 11, 2008' package PDB                  help@deposit.rcsb.org       'data extraction' 
http://sw-tools.pdb.org/apps/PDB_EXTRACT/    C++        ? 5 
ADSC        Quantum ?               ?       ?                    ?                           'data collection' ? ?          ? 6 
# 
_cell.length_a           16.590 
_cell.length_b           4.789 
_cell.length_c           40.229 
_cell.angle_alpha        90.000 
_cell.angle_beta         90.000 
_cell.angle_gamma        90.000 
_cell.entry_id           3FTR 
_cell.pdbx_unique_axis   ? 
_cell.Z_PDB              4 
_cell.length_a_esd       ? 
_cell.length_b_esd       ? 
_cell.length_c_esd       ? 
_cell.angle_alpha_esd    ? 
_cell.angle_beta_esd     ? 
_cell.angle_gamma_esd    ? 
# 
_symmetry.space_group_name_H-M             'P 21 21 21' 
_symmetry.entry_id                         3FTR 
_symmetry.Int_Tables_number                19 
_symmetry.pdbx_full_space_group_name_H-M   ? 
_symmetry.cell_setting                     ? 
_symmetry.space_group_name_Hall            ? 
# 
_exptl.crystals_number   1 
_exptl.entry_id          3FTR 
_exptl.method            'X-RAY DIFFRACTION' 
# 
_exptl_crystal.id                    1 
_exptl_crystal.density_Matthews      ? 
_exptl_crystal.density_meas          ? 
_exptl_crystal.density_percent_sol   ? 
_exptl_crystal.description           ? 
_exptl_crystal.F_000                 ? 
_exptl_crystal.preparation           ? 
# 
_exptl_crystal_grow.crystal_id      1 
_exptl_crystal_grow.method          'VAPOR DIFFUSION, HANGING DROP' 
_exptl_crystal_grow.pH              7.5 
_exptl_crystal_grow.temp            298 
_exptl_crystal_grow.pdbx_details    
'reservoir contained 20% w/v PEG-3000, 0.1M HEPES, 0.2M NaCl, pH 7.5, vapor diffusion, hanging drop, temperature 298K' 
_exptl_crystal_grow.temp_details    ? 
_exptl_crystal_grow.pdbx_pH_range   ? 
# 
_diffrn.id                     1 
_diffrn.ambient_temp           100 
_diffrn.ambient_temp_details   ? 
_diffrn.crystal_id             1 
# 
_diffrn_detector.diffrn_id              1 
_diffrn_detector.detector               CCD 
_diffrn_detector.type                   'ADSC QUANTUM 315' 
_diffrn_detector.pdbx_collection_date   2008-11-15 
_diffrn_detector.details                ? 
# 
_diffrn_radiation.diffrn_id                        1 
_diffrn_radiation.pdbx_diffrn_protocol             'SINGLE WAVELENGTH' 
_diffrn_radiation.monochromator                    ? 
_diffrn_radiation.wavelength_id                    1 
_diffrn_radiation.pdbx_monochromatic_or_laue_m_l   M 
_diffrn_radiation.pdbx_scattering_type             x-ray 
# 
_diffrn_radiation_wavelength.id           1 
_diffrn_radiation_wavelength.wavelength   0.9792 
_diffrn_radiation_wavelength.wt           1.0 
# 
_diffrn_source.diffrn_id                   1 
_diffrn_source.source                      SYNCHROTRON 
_diffrn_source.type                        'APS BEAMLINE 24-ID-E' 
_diffrn_source.pdbx_wavelength_list        0.9792 
_diffrn_source.pdbx_wavelength             ? 
_diffrn_source.pdbx_synchrotron_site       APS 
_diffrn_source.pdbx_synchrotron_beamline   24-ID-E 
# 
_reflns.entry_id                     3FTR 
_reflns.d_resolution_high            1.600 
_reflns.d_resolution_low             90.000 
_reflns.number_obs                   503 
_reflns.pdbx_Rmerge_I_obs            0.149 
_reflns.pdbx_netI_over_sigmaI        6.462 
_reflns.pdbx_chi_squared             1.006 
_reflns.pdbx_redundancy              4.500 
_reflns.percent_possible_obs         92.600 
_reflns.observed_criterion_sigma_F   ? 
_reflns.observed_criterion_sigma_I   ? 
_reflns.number_all                   ? 
_reflns.pdbx_Rsym_value              ? 
_reflns.B_iso_Wilson_estimate        15.9 
_reflns.R_free_details               ? 
_reflns.limit_h_max                  ? 
_reflns.limit_h_min                  ? 
_reflns.limit_k_max                  ? 
_reflns.limit_k_min                  ? 
_reflns.limit_l_max                  ? 
_reflns.limit_l_min                  ? 
_reflns.observed_criterion_F_max     ? 
_reflns.observed_criterion_F_min     ? 
_reflns.pdbx_scaling_rejects         ? 
_reflns.pdbx_diffrn_id               1 
_reflns.pdbx_ordinal                 1 
# 
loop_
_reflns_shell.d_res_high 
_reflns_shell.d_res_low 
_reflns_shell.number_measured_obs 
_reflns_shell.number_measured_all 
_reflns_shell.number_unique_obs 
_reflns_shell.Rmerge_I_obs 
_reflns_shell.meanI_over_sigI_obs 
_reflns_shell.pdbx_Rsym_value 
_reflns_shell.pdbx_chi_squared 
_reflns_shell.pdbx_redundancy 
_reflns_shell.percent_possible_obs 
_reflns_shell.number_unique_all 
_reflns_shell.percent_possible_all 
_reflns_shell.pdbx_diffrn_id 
_reflns_shell.pdbx_ordinal 
1.60 1.72  ? ? ? 0.499 ? ? 0.762 2.80 ? 78  85.70 ? 1 
1.72 1.90  ? ? ? 0.422 ? ? 0.963 2.90 ? 86  87.80 ? 2 
1.90 2.17  ? ? ? 0.239 ? ? 1.106 4.60 ? 101 93.50 ? 3 
2.17 2.74  ? ? ? 0.221 ? ? 1.035 5.70 ? 108 94.70 ? 4 
2.74 90.00 ? ? ? 0.090 ? ? 0.989 5.40 ? 130 98.50 ? 5 
# 
_refine.entry_id                                 3FTR 
_refine.ls_d_res_high                            1.610 
_refine.ls_d_res_low                             20.110 
_refine.pdbx_ls_sigma_F                          0.00 
_refine.ls_percent_reflns_obs                    92.930 
_refine.ls_number_reflns_obs                     486 
_refine.pdbx_ls_cross_valid_method               THROUGHOUT 
_refine.pdbx_R_Free_selection_details            RANDOM 
_refine.details                                  'HYDROGENS HAVE BEEN ADDED IN THE RIDING POSITIONS' 
_refine.ls_R_factor_obs                          0.226 
_refine.ls_R_factor_R_work                       0.223 
_refine.ls_wR_factor_R_work                      0.215 
_refine.ls_R_factor_R_free                       0.253 
_refine.ls_wR_factor_R_free                      0.267 
_refine.ls_percent_reflns_R_free                 9.900 
_refine.ls_number_reflns_R_free                  48 
_refine.B_iso_mean                               9.598 
_refine.aniso_B[1][1]                            0.970 
_refine.aniso_B[2][2]                            -1.310 
_refine.aniso_B[3][3]                            0.340 
_refine.aniso_B[1][2]                            0.000 
_refine.aniso_B[1][3]                            0.000 
_refine.aniso_B[2][3]                            0.000 
_refine.correlation_coeff_Fo_to_Fc               0.933 
_refine.correlation_coeff_Fo_to_Fc_free          0.945 
_refine.overall_SU_R_Cruickshank_DPI             0.150 
_refine.overall_SU_R_free                        0.134 
_refine.pdbx_overall_ESU_R                       0.150 
_refine.pdbx_overall_ESU_R_Free                  0.134 
_refine.overall_SU_ML                            0.069 
_refine.overall_SU_B                             1.990 
_refine.solvent_model_details                    MASK 
_refine.pdbx_solvent_vdw_probe_radii             1.400 
_refine.pdbx_solvent_ion_probe_radii             0.800 
_refine.pdbx_solvent_shrinkage_radii             0.800 
_refine.pdbx_method_to_determine_struct          'MOLECULAR REPLACEMENT' 
_refine.pdbx_stereochemistry_target_values       'MAXIMUM LIKELIHOOD' 
_refine.overall_FOM_work_R_set                   0.864 
_refine.B_iso_max                                32.99 
_refine.B_iso_min                                3.03 
_refine.occupancy_max                            1.00 
_refine.occupancy_min                            1.00 
_refine.pdbx_ls_sigma_I                          ? 
_refine.ls_number_reflns_all                     ? 
_refine.ls_R_factor_all                          ? 
_refine.ls_redundancy_reflns_obs                 ? 
_refine.pdbx_data_cutoff_high_absF               ? 
_refine.pdbx_data_cutoff_low_absF                ? 
_refine.ls_number_parameters                     ? 
_refine.ls_number_restraints                     ? 
_refine.ls_R_factor_R_free_error                 ? 
_refine.ls_R_factor_R_free_error_details         ? 
_refine.pdbx_starting_model                      ? 
_refine.pdbx_stereochem_target_val_spec_case     ? 
_refine.solvent_model_param_bsol                 ? 
_refine.solvent_model_param_ksol                 ? 
_refine.pdbx_isotropic_thermal_model             ? 
_refine.pdbx_data_cutoff_high_rms_absF           ? 
_refine.overall_FOM_free_R_set                   ? 
_refine.pdbx_overall_phase_error                 ? 
_refine.pdbx_refine_id                           'X-RAY DIFFRACTION' 
_refine.pdbx_diffrn_id                           1 
_refine.pdbx_TLS_residual_ADP_flag               ? 
_refine.pdbx_overall_SU_R_free_Cruickshank_DPI   ? 
_refine.pdbx_overall_SU_R_Blow_DPI               ? 
_refine.pdbx_overall_SU_R_free_Blow_DPI          ? 
# 
_refine_hist.pdbx_refine_id                   'X-RAY DIFFRACTION' 
_refine_hist.cycle_id                         LAST 
_refine_hist.pdbx_number_atoms_protein        39 
_refine_hist.pdbx_number_atoms_nucleic_acid   0 
_refine_hist.pdbx_number_atoms_ligand         0 
_refine_hist.number_atoms_solvent             3 
_refine_hist.number_atoms_total               42 
_refine_hist.d_res_high                       1.610 
_refine_hist.d_res_low                        20.110 
# 
loop_
_refine_ls_restr.type 
_refine_ls_restr.number 
_refine_ls_restr.dev_ideal 
_refine_ls_restr.dev_ideal_target 
_refine_ls_restr.weight 
_refine_ls_restr.pdbx_refine_id 
_refine_ls_restr.pdbx_restraint_function 
r_bond_refined_d       38 0.004  0.021  ? 'X-RAY DIFFRACTION' ? 
r_bond_other_d         20 0.007  0.020  ? 'X-RAY DIFFRACTION' ? 
r_angle_refined_deg    51 0.913  1.967  ? 'X-RAY DIFFRACTION' ? 
r_angle_other_deg      51 0.593  3.000  ? 'X-RAY DIFFRACTION' ? 
r_dihedral_angle_1_deg 5  4.121  5.000  ? 'X-RAY DIFFRACTION' ? 
r_dihedral_angle_2_deg 1  41.332 30.000 ? 'X-RAY DIFFRACTION' ? 
r_dihedral_angle_3_deg 5  7.329  15.000 ? 'X-RAY DIFFRACTION' ? 
r_chiral_restr         7  0.081  0.200  ? 'X-RAY DIFFRACTION' ? 
r_gen_planes_refined   43 0.001  0.020  ? 'X-RAY DIFFRACTION' ? 
r_gen_planes_other     5  0.000  0.020  ? 'X-RAY DIFFRACTION' ? 
r_mcbond_it            29 1.740  2.000  ? 'X-RAY DIFFRACTION' ? 
r_mcbond_other         12 0.407  2.000  ? 'X-RAY DIFFRACTION' ? 
r_mcangle_it           46 2.574  3.000  ? 'X-RAY DIFFRACTION' ? 
r_scbond_it            9  1.272  2.000  ? 'X-RAY DIFFRACTION' ? 
r_scangle_it           5  1.786  3.000  ? 'X-RAY DIFFRACTION' ? 
# 
_refine_ls_shell.d_res_high                       1.610 
_refine_ls_shell.d_res_low                        1.797 
_refine_ls_shell.pdbx_total_number_of_bins_used   5 
_refine_ls_shell.percent_reflns_obs               88.190 
_refine_ls_shell.number_reflns_R_work             101 
_refine_ls_shell.R_factor_all                     ? 
_refine_ls_shell.R_factor_R_work                  0.265 
_refine_ls_shell.R_factor_R_free                  0.396 
_refine_ls_shell.percent_reflns_R_free            ? 
_refine_ls_shell.number_reflns_R_free             11 
_refine_ls_shell.R_factor_R_free_error            ? 
_refine_ls_shell.number_reflns_all                112 
_refine_ls_shell.number_reflns_obs                ? 
_refine_ls_shell.redundancy_reflns_obs            ? 
_refine_ls_shell.pdbx_refine_id                   'X-RAY DIFFRACTION' 
# 
_struct.entry_id                  3FTR 
_struct.title                     'Structure of an amyloid forming peptide SSTNVG from IAPP (alternate polymorph)' 
_struct.pdbx_model_details        ? 
_struct.pdbx_CASP_flag            ? 
_struct.pdbx_model_type_details   ? 
# 
_struct_keywords.entry_id        3FTR 
_struct_keywords.text            'amyloid-like protofibril, PROTEIN FIBRIL' 
_struct_keywords.pdbx_keywords   'PROTEIN FIBRIL' 
# 
loop_
_struct_asym.id 
_struct_asym.pdbx_blank_PDB_chainid_flag 
_struct_asym.pdbx_modified 
_struct_asym.entity_id 
_struct_asym.details 
A N N 1 ? 
B N N 2 ? 
# 
_struct_ref.id                         1 
_struct_ref.db_name                    PDB 
_struct_ref.db_code                    3FTR 
_struct_ref.pdbx_db_accession          3FTR 
_struct_ref.entity_id                  1 
_struct_ref.pdbx_align_begin           ? 
_struct_ref.pdbx_seq_one_letter_code   ? 
_struct_ref.pdbx_db_isoform            ? 
# 
_struct_ref_seq.align_id                      1 
_struct_ref_seq.ref_id                        1 
_struct_ref_seq.pdbx_PDB_id_code              3FTR 
_struct_ref_seq.pdbx_strand_id                A 
_struct_ref_seq.seq_align_beg                 1 
_struct_ref_seq.pdbx_seq_align_beg_ins_code   ? 
_struct_ref_seq.seq_align_end                 6 
_struct_ref_seq.pdbx_seq_align_end_ins_code   ? 
_struct_ref_seq.pdbx_db_accession             3FTR 
_struct_ref_seq.db_align_beg                  1 
_struct_ref_seq.pdbx_db_align_beg_ins_code    ? 
_struct_ref_seq.db_align_end                  6 
_struct_ref_seq.pdbx_db_align_end_ins_code    ? 
_struct_ref_seq.pdbx_auth_seq_align_beg       1 
_struct_ref_seq.pdbx_auth_seq_align_end       6 
# 
_pdbx_struct_assembly.id                   1 
_pdbx_struct_assembly.details              author_defined_assembly 
_pdbx_struct_assembly.method_details       ? 
_pdbx_struct_assembly.oligomeric_details   tetrameric 
_pdbx_struct_assembly.oligomeric_count     4 
# 
_pdbx_struct_assembly_gen.assembly_id       1 
_pdbx_struct_assembly_gen.oper_expression   1,2,3,4 
_pdbx_struct_assembly_gen.asym_id_list      A,B 
# 
loop_
_pdbx_struct_oper_list.id 
_pdbx_struct_oper_list.type 
_pdbx_struct_oper_list.name 
_pdbx_struct_oper_list.symmetry_operation 
_pdbx_struct_oper_list.matrix[1][1] 
_pdbx_struct_oper_list.matrix[1][2] 
_pdbx_struct_oper_list.matrix[1][3] 
_pdbx_struct_oper_list.vector[1] 
_pdbx_struct_oper_list.matrix[2][1] 
_pdbx_struct_oper_list.matrix[2][2] 
_pdbx_struct_oper_list.matrix[2][3] 
_pdbx_struct_oper_list.vector[2] 
_pdbx_struct_oper_list.matrix[3][1] 
_pdbx_struct_oper_list.matrix[3][2] 
_pdbx_struct_oper_list.matrix[3][3] 
_pdbx_struct_oper_list.vector[3] 
1 'identity operation'         1_555 x,y,z   1.0000000000 0.0000000000 0.0000000000 0.0000000000  0.0000000000 1.0000000000 0.0000000000 0.0000000000  0.0000000000 0.0000000000 1.0000000000 0.0000000000  
2 'crystal symmetry operation' 1_535 x,y-2,z 1.0000000000 0.0000000000 0.0000000000 -8.0373366692 0.0000000000 1.0000000000 0.0000000000 -5.0094244228 0.0000000000 0.0000000000 1.0000000000 1.4300245514  
3 'crystal symmetry operation' 1_545 x,y-1,z 1.0000000000 0.0000000000 0.0000000000 -4.0186683346 0.0000000000 1.0000000000 0.0000000000 -2.5047122114 0.0000000000 0.0000000000 1.0000000000 0.7150122757  
4 'crystal symmetry operation' 1_565 x,y+1,z 1.0000000000 0.0000000000 0.0000000000 4.0186683346  0.0000000000 1.0000000000 0.0000000000 2.5047122114  0.0000000000 0.0000000000 1.0000000000 -0.7150122757 
# 
_struct_biol.id        1 
_struct_biol.details   ? 
# 
_pdbx_phasing_MR.entry_id                     3FTR 
_pdbx_phasing_MR.method_rotation              ? 
_pdbx_phasing_MR.method_translation           ? 
_pdbx_phasing_MR.model_details                'Phaser MODE: MR_AUTO' 
_pdbx_phasing_MR.R_factor                     ? 
_pdbx_phasing_MR.R_rigid_body                 ? 
_pdbx_phasing_MR.correlation_coeff_Fo_to_Fc   ? 
_pdbx_phasing_MR.correlation_coeff_Io_to_Ic   ? 
_pdbx_phasing_MR.d_res_high_rotation          ? 
_pdbx_phasing_MR.d_res_low_rotation           ? 
_pdbx_phasing_MR.d_res_high_translation       ? 
_pdbx_phasing_MR.d_res_low_translation        ? 
_pdbx_phasing_MR.packing                      ? 
_pdbx_phasing_MR.reflns_percent_rotation      ? 
_pdbx_phasing_MR.reflns_percent_translation   ? 
_pdbx_phasing_MR.sigma_F_rotation             ? 
_pdbx_phasing_MR.sigma_F_translation          ? 
_pdbx_phasing_MR.sigma_I_rotation             ? 
_pdbx_phasing_MR.sigma_I_translation          ? 
# 
_phasing.method   MR 
# 
loop_
_chem_comp_atom.comp_id 
_chem_comp_atom.atom_id 
_chem_comp_atom.type_symbol 
_chem_comp_atom.pdbx_aromatic_flag 
_chem_comp_atom.pdbx_stereo_config 
_chem_comp_atom.pdbx_ordinal 
ASN N    N N N 1  
ASN CA   C N S 2  
ASN C    C N N 3  
ASN O    O N N 4  
ASN CB   C N N 5  
ASN CG   C N N 6  
ASN OD1  O N N 7  
ASN ND2  N N N 8  
ASN OXT  O N N 9  
ASN H    H N N 10 
ASN H2   H N N 11 
ASN HA   H N N 12 
ASN HB2  H N N 13 
ASN HB3  H N N 14 
ASN HD21 H N N 15 
ASN HD22 H N N 16 
ASN HXT  H N N 17 
GLY N    N N N 18 
GLY CA   C N N 19 
GLY C    C N N 20 
GLY O    O N N 21 
GLY OXT  O N N 22 
GLY H    H N N 23 
GLY H2   H N N 24 
GLY HA2  H N N 25 
GLY HA3  H N N 26 
GLY HXT  H N N 27 
HOH O    O N N 28 
HOH H1   H N N 29 
HOH H2   H N N 30 
SER N    N N N 31 
SER CA   C N S 32 
SER C    C N N 33 
SER O    O N N 34 
SER CB   C N N 35 
SER OG   O N N 36 
SER OXT  O N N 37 
SER H    H N N 38 
SER H2   H N N 39 
SER HA   H N N 40 
SER HB2  H N N 41 
SER HB3  H N N 42 
SER HG   H N N 43 
SER HXT  H N N 44 
THR N    N N N 45 
THR CA   C N S 46 
THR C    C N N 47 
THR O    O N N 48 
THR CB   C N R 49 
THR OG1  O N N 50 
THR CG2  C N N 51 
THR OXT  O N N 52 
THR H    H N N 53 
THR H2   H N N 54 
THR HA   H N N 55 
THR HB   H N N 56 
THR HG1  H N N 57 
THR HG21 H N N 58 
THR HG22 H N N 59 
THR HG23 H N N 60 
THR HXT  H N N 61 
VAL N    N N N 62 
VAL CA   C N S 63 
VAL C    C N N 64 
VAL O    O N N 65 
VAL CB   C N N 66 
VAL CG1  C N N 67 
VAL CG2  C N N 68 
VAL OXT  O N N 69 
VAL H    H N N 70 
VAL H2   H N N 71 
VAL HA   H N N 72 
VAL HB   H N N 73 
VAL HG11 H N N 74 
VAL HG12 H N N 75 
VAL HG13 H N N 76 
VAL HG21 H N N 77 
VAL HG22 H N N 78 
VAL HG23 H N N 79 
VAL HXT  H N N 80 
# 
loop_
_chem_comp_bond.comp_id 
_chem_comp_bond.atom_id_1 
_chem_comp_bond.atom_id_2 
_chem_comp_bond.value_order 
_chem_comp_bond.pdbx_aromatic_flag 
_chem_comp_bond.pdbx_stereo_config 
_chem_comp_bond.pdbx_ordinal 
ASN N   CA   sing N N 1  
ASN N   H    sing N N 2  
ASN N   H2   sing N N 3  
ASN CA  C    sing N N 4  
ASN CA  CB   sing N N 5  
ASN CA  HA   sing N N 6  
ASN C   O    doub N N 7  
ASN C   OXT  sing N N 8  
ASN CB  CG   sing N N 9  
ASN CB  HB2  sing N N 10 
ASN CB  HB3  sing N N 11 
ASN CG  OD1  doub N N 12 
ASN CG  ND2  sing N N 13 
ASN ND2 HD21 sing N N 14 
ASN ND2 HD22 sing N N 15 
ASN OXT HXT  sing N N 16 
GLY N   CA   sing N N 17 
GLY N   H    sing N N 18 
GLY N   H2   sing N N 19 
GLY CA  C    sing N N 20 
GLY CA  HA2  sing N N 21 
GLY CA  HA3  sing N N 22 
GLY C   O    doub N N 23 
GLY C   OXT  sing N N 24 
GLY OXT HXT  sing N N 25 
HOH O   H1   sing N N 26 
HOH O   H2   sing N N 27 
SER N   CA   sing N N 28 
SER N   H    sing N N 29 
SER N   H2   sing N N 30 
SER CA  C    sing N N 31 
SER CA  CB   sing N N 32 
SER CA  HA   sing N N 33 
SER C   O    doub N N 34 
SER C   OXT  sing N N 35 
SER CB  OG   sing N N 36 
SER CB  HB2  sing N N 37 
SER CB  HB3  sing N N 38 
SER OG  HG   sing N N 39 
SER OXT HXT  sing N N 40 
THR N   CA   sing N N 41 
THR N   H    sing N N 42 
THR N   H2   sing N N 43 
THR CA  C    sing N N 44 
THR CA  CB   sing N N 45 
THR CA  HA   sing N N 46 
THR C   O    doub N N 47 
THR C   OXT  sing N N 48 
THR CB  OG1  sing N N 49 
THR CB  CG2  sing N N 50 
THR CB  HB   sing N N 51 
THR OG1 HG1  sing N N 52 
THR CG2 HG21 sing N N 53 
THR CG2 HG22 sing N N 54 
THR CG2 HG23 sing N N 55 
THR OXT HXT  sing N N 56 
VAL N   CA   sing N N 57 
VAL N   H    sing N N 58 
VAL N   H2   sing N N 59 
VAL CA  C    sing N N 60 
VAL CA  CB   sing N N 61 
VAL CA  HA   sing N N 62 
VAL C   O    doub N N 63 
VAL C   OXT  sing N N 64 
VAL CB  CG1  sing N N 65 
VAL CB  CG2  sing N N 66 
VAL CB  HB   sing N N 67 
VAL CG1 HG11 sing N N 68 
VAL CG1 HG12 sing N N 69 
VAL CG1 HG13 sing N N 70 
VAL CG2 HG21 sing N N 71 
VAL CG2 HG22 sing N N 72 
VAL CG2 HG23 sing N N 73 
VAL OXT HXT  sing N N 74 
# 
_atom_sites.entry_id                    3FTR 
_atom_sites.fract_transf_matrix[1][1]   0.01160831 
_atom_sites.fract_transf_matrix[1][2]   -0.00174726 
_atom_sites.fract_transf_matrix[1][3]   0.05912285 
_atom_sites.fract_transf_matrix[2][1]   0.17522367 
_atom_sites.fract_transf_matrix[2][2]   0.10921152 
_atom_sites.fract_transf_matrix[2][3]   -0.03117627 
_atom_sites.fract_transf_matrix[3][1]   -0.01264455 
_atom_sites.fract_transf_matrix[3][2]   0.02117482 
_atom_sites.fract_transf_matrix[3][3]   0.00310844 
_atom_sites.fract_transf_vector[1]      0.220795 
_atom_sites.fract_transf_vector[2]      -0.157792 
_atom_sites.fract_transf_vector[3]      -0.203169 
# 
loop_
_atom_type.symbol 
C 
N 
O 
# 
loop_
_atom_site.group_PDB 
_atom_site.id 
_atom_site.type_symbol 
_atom_site.label_atom_id 
_atom_site.label_alt_id 
_atom_site.label_comp_id 
_atom_site.label_asym_id 
_atom_site.label_entity_id 
_atom_site.label_seq_id 
_atom_site.pdbx_PDB_ins_code 
_atom_site.Cartn_x 
_atom_site.Cartn_y 
_atom_site.Cartn_z 
_atom_site.occupancy 
_atom_site.B_iso_or_equiv 
_atom_site.pdbx_formal_charge 
_atom_site.auth_seq_id 
_atom_site.auth_comp_id 
_atom_site.auth_asym_id 
_atom_site.auth_atom_id 
_atom_site.pdbx_PDB_model_num 
ATOM   1  N N   . SER A 1 1 ? -5.086 7.895  2.563  1.00 14.73 ? 1 SER A N   1 
ATOM   2  C CA  . SER A 1 1 ? -3.773 7.190  2.601  1.00 14.65 ? 1 SER A CA  1 
ATOM   3  C C   . SER A 1 1 ? -3.866 5.823  1.946  1.00 14.53 ? 1 SER A C   1 
ATOM   4  O O   . SER A 1 1 ? -4.956 5.261  1.811  1.00 14.88 ? 1 SER A O   1 
ATOM   5  C CB  . SER A 1 1 ? -3.285 7.028  4.042  1.00 14.86 ? 1 SER A CB  1 
ATOM   6  O OG  . SER A 1 1 ? -4.230 6.323  4.824  1.00 15.12 ? 1 SER A OG  1 
ATOM   7  N N   . SER A 1 2 ? -2.717 5.287  1.545  1.00 11.96 ? 2 SER A N   1 
ATOM   8  C CA  . SER A 1 2 ? -2.673 3.954  0.963  1.00 11.53 ? 2 SER A CA  1 
ATOM   9  C C   . SER A 1 2 ? -1.367 3.238  1.276  1.00 9.57  ? 2 SER A C   1 
ATOM   10 O O   . SER A 1 2 ? -0.291 3.844  1.270  1.00 8.60  ? 2 SER A O   1 
ATOM   11 C CB  . SER A 1 2 ? -2.894 4.014  -0.551 1.00 12.49 ? 2 SER A CB  1 
ATOM   12 O OG  . SER A 1 2 ? -1.747 4.501  -1.223 1.00 14.27 ? 2 SER A OG  1 
ATOM   13 N N   . THR A 1 3 ? -1.483 1.942  1.552  1.00 6.43  ? 3 THR A N   1 
ATOM   14 C CA  . THR A 1 3 ? -0.339 1.073  1.761  1.00 7.08  ? 3 THR A CA  1 
ATOM   15 C C   . THR A 1 3 ? -0.463 -0.117 0.814  1.00 5.02  ? 3 THR A C   1 
ATOM   16 O O   . THR A 1 3 ? -1.444 -0.851 0.880  1.00 8.36  ? 3 THR A O   1 
ATOM   17 C CB  . THR A 1 3 ? -0.305 0.552  3.201  1.00 6.99  ? 3 THR A CB  1 
ATOM   18 O OG1 . THR A 1 3 ? -0.331 1.658  4.114  1.00 6.97  ? 3 THR A OG1 1 
ATOM   19 C CG2 . THR A 1 3 ? 0.941  -0.293 3.435  1.00 7.74  ? 3 THR A CG2 1 
ATOM   20 N N   . ASN A 1 4 ? 0.532  -0.298 -0.052 1.00 3.28  ? 4 ASN A N   1 
ATOM   21 C CA  . ASN A 1 4 ? 0.546  -1.381 -1.038 1.00 3.84  ? 4 ASN A CA  1 
ATOM   22 C C   . ASN A 1 4 ? 1.790  -2.229 -0.860 1.00 3.24  ? 4 ASN A C   1 
ATOM   23 O O   . ASN A 1 4 ? 2.903  -1.701 -0.921 1.00 6.03  ? 4 ASN A O   1 
ATOM   24 C CB  . ASN A 1 4 ? 0.574  -0.806 -2.456 1.00 5.00  ? 4 ASN A CB  1 
ATOM   25 C CG  . ASN A 1 4 ? -0.691 -0.052 -2.814 1.00 5.57  ? 4 ASN A CG  1 
ATOM   26 O OD1 . ASN A 1 4 ? -1.799 -0.491 -2.513 1.00 6.29  ? 4 ASN A OD1 1 
ATOM   27 N ND2 . ASN A 1 4 ? -0.531 1.083  -3.489 1.00 8.11  ? 4 ASN A ND2 1 
ATOM   28 N N   . VAL A 1 5 ? 1.611  -3.529 -0.642 1.00 3.03  ? 5 VAL A N   1 
ATOM   29 C CA  . VAL A 1 5 ? 2.733  -4.460 -0.553 1.00 3.55  ? 5 VAL A CA  1 
ATOM   30 C C   . VAL A 1 5 ? 2.595  -5.482 -1.662 1.00 3.58  ? 5 VAL A C   1 
ATOM   31 O O   . VAL A 1 5 ? 1.618  -6.226 -1.702 1.00 5.58  ? 5 VAL A O   1 
ATOM   32 C CB  . VAL A 1 5 ? 2.783  -5.195 0.792  1.00 6.04  ? 5 VAL A CB  1 
ATOM   33 C CG1 . VAL A 1 5 ? 3.967  -6.149 0.813  1.00 7.70  ? 5 VAL A CG1 1 
ATOM   34 C CG2 . VAL A 1 5 ? 2.881  -4.197 1.924  1.00 6.88  ? 5 VAL A CG2 1 
ATOM   35 N N   . GLY A 1 6 ? 3.573  -5.514 -2.560 1.00 7.44  ? 6 GLY A N   1 
ATOM   36 C CA  . GLY A 1 6 ? 3.506  -6.376 -3.734 1.00 9.48  ? 6 GLY A CA  1 
ATOM   37 C C   . GLY A 1 6 ? 3.562  -7.844 -3.369 1.00 11.54 ? 6 GLY A C   1 
ATOM   38 O O   . GLY A 1 6 ? 4.062  -8.210 -2.302 1.00 11.27 ? 6 GLY A O   1 
ATOM   39 O OXT . GLY A 1 6 ? 3.109  -8.693 -4.137 1.00 13.21 ? 6 GLY A OXT 1 
HETATM 40 O O   . HOH B 2 . ? 0.766  4.355  3.935  1.00 9.77  ? 7 HOH A O   1 
HETATM 41 O O   . HOH B 2 . ? -3.778 4.131  6.318  1.00 23.92 ? 8 HOH A O   1 
HETATM 42 O O   . HOH B 2 . ? 4.050  -9.761 -6.297 1.00 32.99 ? 9 HOH A O   1 
# 
